data_7OT8
#
_entry.id   7OT8
#
_cell.length_a   37.862
_cell.length_b   74.899
_cell.length_c   155.151
_cell.angle_alpha   90.000
_cell.angle_beta   90.000
_cell.angle_gamma   90.000
#
_symmetry.space_group_name_H-M   'P 2 21 21'
#
loop_
_entity.id
_entity.type
_entity.pdbx_description
1 polymer DeNovoTIM6-SB
2 non-polymer 'SULFATE ION'
3 water water
#
_entity_poly.entity_id   1
_entity_poly.type   'polypeptide(L)'
_entity_poly.pdbx_seq_one_letter_code
;MDKDEAWKQVEILRRLGAKRIAYRSDDWRDLQEALKKGADILIVDATDKDEAWKQVEILRRLGAKEIAYRSDDWRDLQEA
LKKGADILIVDATDKDEAWKQVEILRRLGAKRIAYRSDDWRDLQEALKKGADILIVDATDKDEAWKQVEILRRLGAKEIA
YRSDDWRDLQEALKKGADILIVDATGLEHHHHHH
;
_entity_poly.pdbx_strand_id   A,B
#
# COMPACT_ATOMS: atom_id res chain seq x y z
N ASP A 4 19.37 3.47 -24.56
CA ASP A 4 19.68 4.00 -25.88
C ASP A 4 18.81 3.35 -26.95
N GLU A 5 19.19 2.16 -27.38
CA GLU A 5 18.42 1.39 -28.36
C GLU A 5 17.65 0.32 -27.60
N ALA A 6 16.56 0.74 -26.96
CA ALA A 6 15.80 -0.14 -26.08
C ALA A 6 14.89 -1.09 -26.83
N TRP A 7 14.54 -0.79 -28.09
CA TRP A 7 13.66 -1.69 -28.83
C TRP A 7 14.24 -3.10 -28.92
N LYS A 8 15.56 -3.25 -28.71
CA LYS A 8 16.14 -4.58 -28.68
C LYS A 8 15.60 -5.39 -27.50
N GLN A 9 15.38 -4.73 -26.36
CA GLN A 9 14.78 -5.40 -25.22
C GLN A 9 13.39 -5.93 -25.55
N VAL A 10 12.65 -5.23 -26.42
CA VAL A 10 11.32 -5.70 -26.81
C VAL A 10 11.44 -7.02 -27.57
N GLU A 11 12.44 -7.13 -28.44
CA GLU A 11 12.64 -8.38 -29.19
C GLU A 11 12.88 -9.55 -28.24
N ILE A 12 13.76 -9.36 -27.26
CA ILE A 12 14.08 -10.45 -26.33
C ILE A 12 12.83 -10.90 -25.59
N LEU A 13 12.10 -9.96 -24.99
CA LEU A 13 10.91 -10.32 -24.23
C LEU A 13 9.84 -10.93 -25.13
N ARG A 14 9.72 -10.45 -26.36
CA ARG A 14 8.83 -11.09 -27.33
C ARG A 14 9.18 -12.57 -27.45
N ARG A 15 10.44 -12.86 -27.78
CA ARG A 15 10.86 -14.25 -27.97
C ARG A 15 10.72 -15.08 -26.70
N LEU A 16 10.77 -14.43 -25.52
CA LEU A 16 10.63 -15.12 -24.25
C LEU A 16 9.17 -15.28 -23.82
N GLY A 17 8.23 -14.98 -24.70
CA GLY A 17 6.82 -15.24 -24.42
C GLY A 17 6.05 -14.10 -23.78
N ALA A 18 6.50 -12.86 -23.94
CA ALA A 18 5.75 -11.71 -23.46
C ALA A 18 4.72 -11.33 -24.52
N LYS A 19 3.44 -11.47 -24.19
CA LYS A 19 2.37 -11.22 -25.14
C LYS A 19 1.93 -9.76 -25.16
N ARG A 20 2.24 -9.00 -24.11
CA ARG A 20 1.81 -7.60 -24.00
C ARG A 20 3.00 -6.77 -23.56
N ILE A 21 3.60 -6.03 -24.50
CA ILE A 21 4.80 -5.25 -24.24
C ILE A 21 4.51 -3.79 -24.54
N ALA A 22 4.89 -2.91 -23.61
CA ALA A 22 4.75 -1.48 -23.76
C ALA A 22 6.14 -0.84 -23.85
N TYR A 23 6.19 0.31 -24.53
CA TYR A 23 7.44 1.02 -24.78
C TYR A 23 7.25 2.47 -24.37
N ARG A 24 8.07 2.93 -23.42
CA ARG A 24 8.02 4.29 -22.93
C ARG A 24 9.25 5.05 -23.43
N SER A 25 9.02 6.19 -24.07
CA SER A 25 10.10 7.00 -24.60
C SER A 25 9.57 8.37 -24.96
N ASP A 26 10.49 9.34 -25.03
CA ASP A 26 10.15 10.71 -25.39
C ASP A 26 10.55 11.05 -26.82
N ASP A 27 10.72 10.05 -27.67
CA ASP A 27 11.04 10.24 -29.08
C ASP A 27 10.06 9.44 -29.91
N TRP A 28 9.29 10.11 -30.75
CA TRP A 28 8.27 9.42 -31.53
C TRP A 28 8.88 8.42 -32.51
N ARG A 29 10.07 8.73 -33.03
CA ARG A 29 10.75 7.77 -33.89
C ARG A 29 11.20 6.55 -33.09
N ASP A 30 11.78 6.77 -31.92
CA ASP A 30 12.10 5.67 -31.02
C ASP A 30 10.85 4.86 -30.70
N LEU A 31 9.72 5.53 -30.49
CA LEU A 31 8.46 4.84 -30.23
C LEU A 31 7.95 4.10 -31.47
N GLN A 32 8.02 4.75 -32.63
CA GLN A 32 7.54 4.10 -33.85
C GLN A 32 8.34 2.84 -34.15
N GLU A 33 9.67 2.91 -33.99
CA GLU A 33 10.49 1.73 -34.24
C GLU A 33 10.12 0.59 -33.28
N ALA A 34 9.78 0.94 -32.04
CA ALA A 34 9.39 -0.10 -31.09
C ALA A 34 8.11 -0.80 -31.51
N LEU A 35 7.15 -0.03 -32.03
CA LEU A 35 5.92 -0.64 -32.53
C LEU A 35 6.21 -1.66 -33.62
N LYS A 36 7.17 -1.34 -34.50
CA LYS A 36 7.51 -2.26 -35.58
C LYS A 36 8.21 -3.52 -35.07
N LYS A 37 8.78 -3.48 -33.87
CA LYS A 37 9.49 -4.62 -33.30
C LYS A 37 8.61 -5.46 -32.39
N GLY A 38 7.30 -5.22 -32.37
CA GLY A 38 6.37 -6.01 -31.60
C GLY A 38 5.71 -5.31 -30.44
N ALA A 39 6.14 -4.10 -30.11
CA ALA A 39 5.53 -3.37 -29.01
C ALA A 39 4.05 -3.11 -29.29
N ASP A 40 3.22 -3.32 -28.27
CA ASP A 40 1.78 -3.16 -28.42
C ASP A 40 1.25 -1.84 -27.86
N ILE A 41 1.98 -1.21 -26.94
CA ILE A 41 1.56 0.03 -26.29
C ILE A 41 2.72 1.00 -26.32
N LEU A 42 2.47 2.20 -26.85
CA LEU A 42 3.47 3.27 -26.91
C LEU A 42 3.11 4.32 -25.89
N ILE A 43 3.96 4.50 -24.89
CA ILE A 43 3.72 5.43 -23.80
C ILE A 43 4.48 6.72 -24.12
N VAL A 44 3.76 7.75 -24.52
CA VAL A 44 4.34 9.07 -24.73
C VAL A 44 4.49 9.73 -23.37
N ASP A 45 5.72 10.08 -23.01
CA ASP A 45 6.00 10.69 -21.71
C ASP A 45 5.21 11.98 -21.52
N GLU A 51 3.37 19.96 -24.71
CA GLU A 51 3.82 19.94 -26.09
C GLU A 51 4.05 18.51 -26.57
N ALA A 52 3.83 17.54 -25.69
CA ALA A 52 4.03 16.14 -26.03
C ALA A 52 2.87 15.52 -26.79
N TRP A 53 1.81 16.30 -27.07
CA TRP A 53 0.70 15.76 -27.85
C TRP A 53 1.01 15.72 -29.34
N LYS A 54 2.02 16.48 -29.79
CA LYS A 54 2.48 16.35 -31.17
C LYS A 54 3.00 14.95 -31.44
N GLN A 55 3.46 14.24 -30.40
CA GLN A 55 3.94 12.88 -30.58
C GLN A 55 2.78 11.90 -30.77
N VAL A 56 1.79 11.95 -29.87
CA VAL A 56 0.65 11.05 -30.01
C VAL A 56 -0.06 11.29 -31.33
N GLU A 57 -0.05 12.53 -31.81
CA GLU A 57 -0.65 12.82 -33.11
C GLU A 57 0.09 12.11 -34.22
N ILE A 58 1.43 12.21 -34.21
CA ILE A 58 2.23 11.56 -35.26
C ILE A 58 2.04 10.06 -35.22
N LEU A 59 2.24 9.46 -34.03
CA LEU A 59 2.08 8.01 -33.90
C LEU A 59 0.67 7.58 -34.29
N ARG A 60 -0.33 8.39 -33.95
CA ARG A 60 -1.69 8.09 -34.38
C ARG A 60 -1.78 8.06 -35.90
N ARG A 61 -1.20 9.05 -36.57
CA ARG A 61 -1.21 9.09 -38.03
C ARG A 61 -0.38 7.98 -38.65
N LEU A 62 0.55 7.39 -37.90
CA LEU A 62 1.41 6.32 -38.39
C LEU A 62 0.83 4.94 -38.12
N GLY A 63 -0.44 4.86 -37.71
CA GLY A 63 -1.10 3.59 -37.55
C GLY A 63 -0.99 2.93 -36.20
N ALA A 64 -0.58 3.68 -35.16
CA ALA A 64 -0.49 3.12 -33.83
C ALA A 64 -1.87 3.13 -33.17
N LYS A 65 -2.28 1.98 -32.63
CA LYS A 65 -3.63 1.79 -32.13
C LYS A 65 -3.71 1.70 -30.61
N GLU A 66 -2.63 1.97 -29.89
CA GLU A 66 -2.62 1.89 -28.44
C GLU A 66 -1.56 2.84 -27.89
N ILE A 67 -1.90 4.12 -27.83
CA ILE A 67 -0.98 5.16 -27.37
C ILE A 67 -1.42 5.60 -25.98
N ALA A 68 -0.49 5.57 -25.04
CA ALA A 68 -0.73 6.01 -23.68
C ALA A 68 -0.05 7.34 -23.42
N TYR A 69 -0.64 8.13 -22.54
CA TYR A 69 -0.17 9.48 -22.24
C TYR A 69 -0.32 9.71 -20.75
N ARG A 70 0.72 10.27 -20.12
CA ARG A 70 0.72 10.57 -18.70
C ARG A 70 0.99 12.05 -18.47
N SER A 71 0.33 12.63 -17.45
CA SER A 71 0.49 14.05 -17.16
C SER A 71 -0.30 14.42 -15.92
N ASP A 72 0.17 15.47 -15.22
CA ASP A 72 -0.56 15.95 -14.04
C ASP A 72 -1.62 16.98 -14.38
N ASP A 73 -1.53 17.61 -15.55
CA ASP A 73 -2.48 18.61 -16.00
C ASP A 73 -3.53 17.96 -16.89
N TRP A 74 -4.81 18.22 -16.57
CA TRP A 74 -5.89 17.56 -17.28
C TRP A 74 -6.21 18.24 -18.61
N ARG A 75 -5.96 19.54 -18.73
CA ARG A 75 -5.99 20.16 -20.05
C ARG A 75 -4.98 19.49 -20.97
N ASP A 76 -3.86 19.04 -20.43
CA ASP A 76 -2.89 18.29 -21.22
C ASP A 76 -3.43 16.90 -21.54
N LEU A 77 -3.95 16.20 -20.54
CA LEU A 77 -4.54 14.88 -20.78
C LEU A 77 -5.67 14.99 -21.82
N GLN A 78 -6.50 16.03 -21.71
CA GLN A 78 -7.62 16.18 -22.63
C GLN A 78 -7.13 16.39 -24.06
N GLU A 79 -6.09 17.21 -24.22
CA GLU A 79 -5.55 17.44 -25.56
C GLU A 79 -4.98 16.15 -26.15
N ALA A 80 -4.29 15.36 -25.33
CA ALA A 80 -3.76 14.08 -25.81
C ALA A 80 -4.87 13.18 -26.32
N LEU A 81 -5.99 13.13 -25.59
CA LEU A 81 -7.12 12.31 -26.01
C LEU A 81 -7.61 12.73 -27.40
N LYS A 82 -7.77 14.04 -27.61
CA LYS A 82 -8.25 14.52 -28.89
C LYS A 82 -7.29 14.15 -30.02
N LYS A 83 -5.99 14.10 -29.72
CA LYS A 83 -4.99 13.77 -30.73
C LYS A 83 -4.94 12.27 -31.03
N GLY A 84 -5.48 11.43 -30.15
CA GLY A 84 -5.57 10.02 -30.44
C GLY A 84 -5.24 9.10 -29.28
N ALA A 85 -4.71 9.65 -28.20
CA ALA A 85 -4.29 8.84 -27.07
C ALA A 85 -5.42 7.93 -26.60
N ASP A 86 -5.16 6.62 -26.61
CA ASP A 86 -6.16 5.66 -26.18
C ASP A 86 -6.11 5.38 -24.68
N ILE A 87 -4.95 5.58 -24.05
CA ILE A 87 -4.75 5.27 -22.64
C ILE A 87 -4.27 6.52 -21.93
N LEU A 88 -4.77 6.74 -20.72
CA LEU A 88 -4.37 7.85 -19.87
C LEU A 88 -3.89 7.29 -18.54
N ILE A 89 -2.73 7.76 -18.08
CA ILE A 89 -2.07 7.22 -16.90
C ILE A 89 -2.29 8.17 -15.74
N VAL A 90 -2.86 7.65 -14.65
CA VAL A 90 -3.02 8.39 -13.42
C VAL A 90 -1.99 7.91 -12.42
N ASP A 91 -1.34 8.85 -11.74
CA ASP A 91 -0.31 8.55 -10.76
C ASP A 91 -0.80 8.89 -9.36
N ALA A 92 -0.52 8.01 -8.41
CA ALA A 92 -0.97 8.19 -7.04
C ALA A 92 0.01 9.07 -6.26
N ALA A 98 -4.93 9.51 -6.63
CA ALA A 98 -6.02 8.88 -5.90
C ALA A 98 -6.96 8.15 -6.85
N TRP A 99 -7.61 7.11 -6.35
CA TRP A 99 -8.51 6.31 -7.16
C TRP A 99 -9.85 6.99 -7.41
N LYS A 100 -10.17 8.07 -6.69
CA LYS A 100 -11.47 8.72 -6.84
C LYS A 100 -11.57 9.51 -8.13
N GLN A 101 -10.49 9.64 -8.90
CA GLN A 101 -10.50 10.41 -10.14
C GLN A 101 -10.56 9.53 -11.38
N VAL A 102 -10.63 8.21 -11.22
CA VAL A 102 -10.72 7.34 -12.38
C VAL A 102 -12.05 7.54 -13.10
N GLU A 103 -13.15 7.56 -12.34
CA GLU A 103 -14.46 7.81 -12.95
C GLU A 103 -14.54 9.24 -13.48
N ILE A 104 -13.96 10.20 -12.76
CA ILE A 104 -13.90 11.56 -13.27
C ILE A 104 -13.16 11.61 -14.59
N LEU A 105 -12.06 10.85 -14.70
CA LEU A 105 -11.28 10.86 -15.92
C LEU A 105 -12.02 10.19 -17.08
N ARG A 106 -12.81 9.16 -16.79
CA ARG A 106 -13.59 8.53 -17.86
C ARG A 106 -14.54 9.53 -18.52
N ARG A 107 -15.05 10.48 -17.75
CA ARG A 107 -15.96 11.48 -18.32
C ARG A 107 -15.25 12.37 -19.32
N LEU A 108 -13.96 12.64 -19.11
CA LEU A 108 -13.18 13.38 -20.09
C LEU A 108 -13.11 12.67 -21.43
N GLY A 109 -13.48 11.39 -21.48
CA GLY A 109 -13.49 10.64 -22.72
C GLY A 109 -12.42 9.59 -22.84
N ALA A 110 -11.75 9.24 -21.74
CA ALA A 110 -10.64 8.31 -21.78
C ALA A 110 -11.17 6.89 -22.01
N LYS A 111 -10.76 6.28 -23.12
CA LYS A 111 -11.18 4.92 -23.40
C LYS A 111 -10.61 3.94 -22.38
N ARG A 112 -9.35 4.10 -22.03
CA ARG A 112 -8.67 3.22 -21.09
C ARG A 112 -7.93 4.05 -20.05
N ILE A 113 -7.92 3.57 -18.81
CA ILE A 113 -7.29 4.25 -17.70
C ILE A 113 -6.25 3.33 -17.07
N ALA A 114 -5.02 3.82 -16.95
CA ALA A 114 -3.94 3.12 -16.25
C ALA A 114 -3.64 3.86 -14.95
N TYR A 115 -3.53 3.12 -13.86
CA TYR A 115 -3.34 3.67 -12.53
C TYR A 115 -2.01 3.20 -11.98
N ARG A 116 -1.13 4.14 -11.65
CA ARG A 116 0.20 3.85 -11.14
CA ARG A 116 0.20 3.85 -11.14
C ARG A 116 0.24 4.10 -9.64
N SER A 117 0.71 3.10 -8.89
CA SER A 117 0.80 3.24 -7.44
C SER A 117 1.77 2.20 -6.90
N ASP A 118 2.27 2.48 -5.70
CA ASP A 118 3.24 1.61 -5.03
C ASP A 118 2.60 0.70 -4.00
N ASP A 119 1.28 0.78 -3.81
CA ASP A 119 0.57 -0.01 -2.81
C ASP A 119 -0.56 -0.80 -3.48
N TRP A 120 -0.66 -2.08 -3.14
CA TRP A 120 -1.65 -2.92 -3.81
C TRP A 120 -3.08 -2.55 -3.41
N ARG A 121 -3.29 -2.15 -2.15
CA ARG A 121 -4.62 -1.72 -1.74
C ARG A 121 -5.08 -0.53 -2.58
N ASP A 122 -4.20 0.46 -2.74
CA ASP A 122 -4.52 1.59 -3.62
C ASP A 122 -4.88 1.12 -5.02
N LEU A 123 -4.11 0.16 -5.56
CA LEU A 123 -4.38 -0.30 -6.91
C LEU A 123 -5.69 -1.06 -6.99
N GLN A 124 -5.99 -1.89 -5.99
CA GLN A 124 -7.27 -2.59 -5.96
C GLN A 124 -8.42 -1.60 -5.91
N GLU A 125 -8.31 -0.57 -5.07
CA GLU A 125 -9.33 0.48 -5.06
C GLU A 125 -9.50 1.09 -6.44
N ALA A 126 -8.39 1.40 -7.11
CA ALA A 126 -8.48 1.96 -8.45
C ALA A 126 -9.12 0.96 -9.42
N LEU A 127 -8.93 -0.34 -9.18
CA LEU A 127 -9.53 -1.35 -10.04
C LEU A 127 -11.04 -1.40 -9.86
N LYS A 128 -11.53 -1.16 -8.64
CA LYS A 128 -12.96 -1.18 -8.40
C LYS A 128 -13.66 0.01 -9.06
N LYS A 129 -12.94 1.12 -9.24
CA LYS A 129 -13.51 2.31 -9.85
C LYS A 129 -13.47 2.28 -11.37
N GLY A 130 -12.98 1.20 -11.97
CA GLY A 130 -12.95 1.07 -13.41
C GLY A 130 -11.58 1.19 -14.05
N ALA A 131 -10.50 1.28 -13.27
CA ALA A 131 -9.17 1.33 -13.85
C ALA A 131 -8.92 0.06 -14.65
N ASP A 132 -8.43 0.22 -15.87
CA ASP A 132 -8.18 -0.91 -16.75
C ASP A 132 -6.80 -1.52 -16.55
N ILE A 133 -5.79 -0.69 -16.25
CA ILE A 133 -4.41 -1.14 -16.12
C ILE A 133 -3.88 -0.69 -14.77
N LEU A 134 -3.26 -1.62 -14.05
CA LEU A 134 -2.69 -1.35 -12.73
C LEU A 134 -1.17 -1.45 -12.85
N ILE A 135 -0.50 -0.31 -12.77
CA ILE A 135 0.96 -0.26 -12.88
C ILE A 135 1.55 -0.33 -11.47
N VAL A 136 2.27 -1.41 -11.20
CA VAL A 136 3.00 -1.56 -9.94
C VAL A 136 4.33 -0.81 -10.07
N ASP A 137 4.55 0.18 -9.19
CA ASP A 137 5.76 0.99 -9.18
C ASP A 137 6.15 1.22 -7.72
N ALA A 138 6.86 0.25 -7.15
CA ALA A 138 7.37 0.33 -5.79
C ALA A 138 8.88 0.54 -5.82
N THR A 139 9.40 1.06 -4.71
CA THR A 139 10.83 1.33 -4.62
C THR A 139 11.64 0.05 -4.80
N ASP A 140 11.49 -0.89 -3.87
CA ASP A 140 12.25 -2.14 -3.92
C ASP A 140 11.71 -3.05 -5.01
N LYS A 141 12.61 -3.88 -5.56
CA LYS A 141 12.19 -4.84 -6.56
C LYS A 141 11.46 -6.02 -5.94
N ASP A 142 11.92 -6.49 -4.78
CA ASP A 142 11.24 -7.60 -4.11
C ASP A 142 9.86 -7.17 -3.62
N GLU A 143 9.73 -5.92 -3.17
CA GLU A 143 8.44 -5.41 -2.75
C GLU A 143 7.49 -5.28 -3.93
N ALA A 144 8.02 -4.88 -5.10
CA ALA A 144 7.19 -4.82 -6.29
C ALA A 144 6.71 -6.21 -6.69
N TRP A 145 7.62 -7.19 -6.68
CA TRP A 145 7.23 -8.57 -6.95
C TRP A 145 6.02 -8.98 -6.13
N LYS A 146 6.06 -8.69 -4.82
CA LYS A 146 5.00 -9.14 -3.93
C LYS A 146 3.66 -8.50 -4.30
N GLN A 147 3.68 -7.22 -4.68
CA GLN A 147 2.44 -6.54 -5.03
C GLN A 147 1.84 -7.14 -6.30
N VAL A 148 2.68 -7.42 -7.29
CA VAL A 148 2.19 -8.14 -8.47
C VAL A 148 1.55 -9.46 -8.04
N GLU A 149 2.22 -10.19 -7.15
CA GLU A 149 1.70 -11.47 -6.69
C GLU A 149 0.36 -11.30 -5.97
N ILE A 150 0.26 -10.27 -5.12
CA ILE A 150 -0.98 -10.05 -4.38
C ILE A 150 -2.11 -9.74 -5.34
N LEU A 151 -1.91 -8.78 -6.24
CA LEU A 151 -2.95 -8.44 -7.20
C LEU A 151 -3.33 -9.63 -8.07
N ARG A 152 -2.34 -10.40 -8.53
CA ARG A 152 -2.63 -11.59 -9.31
C ARG A 152 -3.52 -12.55 -8.53
N ARG A 153 -3.21 -12.75 -7.24
CA ARG A 153 -4.03 -13.62 -6.41
C ARG A 153 -5.47 -13.12 -6.35
N LEU A 154 -5.65 -11.80 -6.24
CA LEU A 154 -6.99 -11.22 -6.20
C LEU A 154 -7.70 -11.29 -7.54
N GLY A 155 -7.00 -11.65 -8.61
CA GLY A 155 -7.61 -11.73 -9.93
C GLY A 155 -7.54 -10.47 -10.75
N ALA A 156 -6.74 -9.48 -10.33
CA ALA A 156 -6.63 -8.24 -11.09
C ALA A 156 -6.11 -8.53 -12.49
N LYS A 157 -6.88 -8.07 -13.49
CA LYS A 157 -6.49 -8.24 -14.88
C LYS A 157 -5.72 -7.01 -15.34
N GLU A 158 -4.72 -7.24 -16.20
CA GLU A 158 -3.89 -6.15 -16.70
C GLU A 158 -3.03 -5.55 -15.60
N ILE A 159 -2.14 -6.35 -15.03
CA ILE A 159 -1.12 -5.86 -14.11
C ILE A 159 0.11 -5.50 -14.92
N ALA A 160 0.67 -4.33 -14.66
CA ALA A 160 1.80 -3.81 -15.42
C ALA A 160 2.98 -3.53 -14.52
N TYR A 161 4.18 -3.77 -15.03
CA TYR A 161 5.41 -3.49 -14.33
C TYR A 161 6.40 -2.86 -15.29
N ARG A 162 7.14 -1.87 -14.81
CA ARG A 162 8.09 -1.12 -15.62
C ARG A 162 9.50 -1.34 -15.12
N SER A 163 10.45 -1.39 -16.05
CA SER A 163 11.86 -1.53 -15.70
C SER A 163 12.69 -1.40 -16.97
N ASP A 164 13.90 -0.84 -16.81
CA ASP A 164 14.82 -0.75 -17.93
C ASP A 164 15.72 -1.97 -18.06
N ASP A 165 15.42 -3.04 -17.32
CA ASP A 165 16.18 -4.29 -17.33
C ASP A 165 15.22 -5.41 -17.73
N TRP A 166 15.41 -5.96 -18.93
CA TRP A 166 14.47 -6.96 -19.43
C TRP A 166 14.43 -8.21 -18.56
N ARG A 167 15.48 -8.46 -17.77
CA ARG A 167 15.47 -9.62 -16.88
C ARG A 167 14.51 -9.41 -15.72
N ASP A 168 14.47 -8.19 -15.17
CA ASP A 168 13.47 -7.89 -14.15
C ASP A 168 12.06 -7.98 -14.75
N LEU A 169 11.88 -7.47 -15.97
CA LEU A 169 10.59 -7.60 -16.63
C LEU A 169 10.23 -9.07 -16.80
N GLN A 170 11.18 -9.89 -17.26
CA GLN A 170 10.92 -11.32 -17.39
C GLN A 170 10.50 -11.91 -16.05
N GLU A 171 11.22 -11.56 -14.97
CA GLU A 171 10.81 -12.01 -13.65
C GLU A 171 9.41 -11.49 -13.30
N ALA A 172 9.13 -10.24 -13.64
CA ALA A 172 7.79 -9.71 -13.40
C ALA A 172 6.74 -10.58 -14.08
N LEU A 173 6.97 -10.93 -15.34
CA LEU A 173 6.03 -11.79 -16.05
C LEU A 173 5.83 -13.11 -15.32
N LYS A 174 6.90 -13.66 -14.75
CA LYS A 174 6.78 -14.93 -14.04
C LYS A 174 6.00 -14.78 -12.75
N LYS A 175 6.00 -13.57 -12.16
CA LYS A 175 5.29 -13.33 -10.91
C LYS A 175 3.81 -13.05 -11.12
N GLY A 176 3.41 -12.66 -12.33
CA GLY A 176 2.00 -12.44 -12.60
C GLY A 176 1.69 -11.21 -13.43
N ALA A 177 2.71 -10.45 -13.81
CA ALA A 177 2.48 -9.25 -14.60
C ALA A 177 1.98 -9.61 -16.00
N ASP A 178 0.95 -8.87 -16.45
CA ASP A 178 0.40 -9.08 -17.78
C ASP A 178 1.05 -8.19 -18.83
N ILE A 179 1.46 -6.99 -18.43
CA ILE A 179 2.03 -6.00 -19.34
C ILE A 179 3.41 -5.63 -18.84
N LEU A 180 4.39 -5.71 -19.74
CA LEU A 180 5.79 -5.42 -19.41
C LEU A 180 6.15 -4.11 -20.08
N ILE A 181 6.48 -3.11 -19.28
CA ILE A 181 6.79 -1.77 -19.77
C ILE A 181 8.30 -1.66 -19.89
N VAL A 182 8.77 -1.64 -21.12
CA VAL A 182 10.19 -1.37 -21.41
C VAL A 182 10.41 0.13 -21.32
N ASP A 183 11.29 0.54 -20.39
CA ASP A 183 11.59 1.95 -20.16
C ASP A 183 12.82 2.32 -20.99
N ALA A 184 12.61 3.04 -22.08
CA ALA A 184 13.71 3.45 -22.95
C ALA A 184 14.35 4.74 -22.45
N THR A 185 15.67 4.79 -22.51
CA THR A 185 16.42 5.96 -22.06
C THR A 185 17.88 5.87 -22.46
N TRP B 7 11.17 -10.86 27.29
CA TRP B 7 11.25 -9.55 26.64
C TRP B 7 10.59 -8.47 27.50
N LYS B 8 10.03 -8.88 28.63
CA LYS B 8 9.33 -7.95 29.51
C LYS B 8 10.20 -6.81 30.00
N GLN B 9 11.51 -6.86 29.77
CA GLN B 9 12.40 -5.75 30.10
C GLN B 9 12.07 -4.59 29.17
N VAL B 10 11.28 -3.63 29.67
CA VAL B 10 10.87 -2.48 28.87
C VAL B 10 11.62 -1.21 29.25
N GLU B 11 12.22 -1.16 30.44
CA GLU B 11 13.03 0.00 30.81
C GLU B 11 14.10 0.26 29.76
N ILE B 12 14.71 -0.81 29.23
CA ILE B 12 15.74 -0.66 28.21
C ILE B 12 15.23 0.20 27.07
N LEU B 13 14.03 -0.11 26.58
CA LEU B 13 13.48 0.65 25.46
C LEU B 13 13.18 2.09 25.85
N ARG B 14 12.72 2.31 27.08
CA ARG B 14 12.52 3.69 27.53
C ARG B 14 13.81 4.49 27.42
N ARG B 15 14.96 3.82 27.52
CA ARG B 15 16.24 4.51 27.35
C ARG B 15 16.45 4.91 25.89
N LEU B 16 16.00 4.08 24.95
CA LEU B 16 16.07 4.45 23.54
C LEU B 16 15.34 5.76 23.28
N GLY B 17 14.33 6.08 24.08
CA GLY B 17 13.53 7.27 23.88
C GLY B 17 12.08 6.93 23.64
N ALA B 18 11.65 5.78 24.13
CA ALA B 18 10.29 5.31 23.92
C ALA B 18 9.33 6.06 24.84
N LYS B 19 8.41 6.83 24.25
CA LYS B 19 7.41 7.52 25.05
C LYS B 19 6.49 6.52 25.76
N ARG B 20 5.87 5.63 24.99
CA ARG B 20 4.98 4.62 25.54
C ARG B 20 5.39 3.26 24.99
N ILE B 21 5.20 2.23 25.80
CA ILE B 21 5.58 0.87 25.45
C ILE B 21 4.32 0.02 25.38
N ALA B 22 4.13 -0.66 24.24
CA ALA B 22 3.10 -1.67 24.09
C ALA B 22 3.76 -3.04 24.06
N TYR B 23 3.15 -4.00 24.74
CA TYR B 23 3.66 -5.37 24.83
C TYR B 23 2.58 -6.33 24.36
N ARG B 24 2.95 -7.22 23.45
CA ARG B 24 2.03 -8.21 22.88
C ARG B 24 2.49 -9.61 23.27
N SER B 25 1.53 -10.49 23.53
CA SER B 25 1.83 -11.87 23.86
C SER B 25 0.53 -12.65 23.95
N ASP B 26 0.63 -13.96 23.73
CA ASP B 26 -0.52 -14.85 23.79
C ASP B 26 -0.69 -15.51 25.15
N ASP B 27 0.19 -15.21 26.11
CA ASP B 27 0.12 -15.75 27.46
C ASP B 27 -0.10 -14.61 28.44
N TRP B 28 -1.25 -14.60 29.11
CA TRP B 28 -1.57 -13.49 29.99
C TRP B 28 -0.55 -13.32 31.10
N ARG B 29 0.07 -14.42 31.55
CA ARG B 29 1.12 -14.32 32.55
C ARG B 29 2.24 -13.40 32.07
N ASP B 30 2.62 -13.53 30.80
CA ASP B 30 3.64 -12.64 30.25
C ASP B 30 3.17 -11.20 30.25
N LEU B 31 1.91 -10.96 29.88
CA LEU B 31 1.39 -9.60 29.90
C LEU B 31 1.36 -9.04 31.32
N GLN B 32 1.05 -9.89 32.30
CA GLN B 32 1.12 -9.45 33.69
C GLN B 32 2.54 -9.02 34.06
N GLU B 33 3.55 -9.77 33.60
CA GLU B 33 4.92 -9.43 33.92
C GLU B 33 5.31 -8.09 33.30
N ALA B 34 4.97 -7.90 32.02
CA ALA B 34 5.23 -6.62 31.38
C ALA B 34 4.50 -5.49 32.09
N LEU B 35 3.28 -5.76 32.56
CA LEU B 35 2.51 -4.74 33.27
C LEU B 35 3.26 -4.29 34.53
N LYS B 36 3.80 -5.24 35.29
CA LYS B 36 4.58 -4.87 36.46
C LYS B 36 5.86 -4.15 36.07
N LYS B 37 6.42 -4.46 34.89
CA LYS B 37 7.65 -3.84 34.43
C LYS B 37 7.44 -2.42 33.92
N GLY B 38 6.22 -1.90 33.96
CA GLY B 38 5.95 -0.54 33.55
C GLY B 38 5.44 -0.35 32.14
N ALA B 39 5.12 -1.44 31.43
CA ALA B 39 4.53 -1.32 30.11
C ALA B 39 3.20 -0.58 30.20
N ASP B 40 2.94 0.28 29.22
CA ASP B 40 1.73 1.10 29.22
C ASP B 40 0.54 0.40 28.57
N ILE B 41 0.78 -0.36 27.51
CA ILE B 41 -0.27 -1.02 26.74
C ILE B 41 0.04 -2.51 26.70
N LEU B 42 -0.97 -3.32 27.01
CA LEU B 42 -0.88 -4.77 26.95
C LEU B 42 -1.83 -5.28 25.86
N ILE B 43 -1.27 -5.89 24.82
CA ILE B 43 -2.04 -6.36 23.67
C ILE B 43 -2.35 -7.85 23.85
N VAL B 44 -3.62 -8.20 23.76
CA VAL B 44 -4.10 -9.57 23.96
C VAL B 44 -4.27 -10.22 22.60
N ASP B 45 -3.58 -11.34 22.38
CA ASP B 45 -3.74 -12.11 21.15
C ASP B 45 -4.98 -12.99 21.25
N ALA B 46 -5.57 -13.29 20.10
CA ALA B 46 -6.87 -13.98 20.03
C ALA B 46 -6.72 -15.29 19.29
N THR B 47 -6.14 -16.28 19.96
CA THR B 47 -6.20 -17.65 19.44
C THR B 47 -7.62 -18.19 19.54
N ASP B 48 -8.19 -18.14 20.73
CA ASP B 48 -9.59 -18.50 20.98
C ASP B 48 -10.30 -17.28 21.53
N LYS B 49 -11.48 -16.98 20.99
CA LYS B 49 -12.23 -15.81 21.45
C LYS B 49 -12.43 -15.86 22.97
N ASP B 50 -12.83 -17.03 23.47
CA ASP B 50 -13.09 -17.15 24.91
C ASP B 50 -11.80 -16.97 25.72
N GLU B 51 -10.68 -17.50 25.23
CA GLU B 51 -9.41 -17.30 25.92
C GLU B 51 -9.06 -15.82 25.99
N ALA B 52 -9.25 -15.09 24.90
CA ALA B 52 -8.92 -13.67 24.90
C ALA B 52 -9.71 -12.93 25.96
N TRP B 53 -11.01 -13.20 26.07
CA TRP B 53 -11.83 -12.56 27.08
C TRP B 53 -11.27 -12.82 28.48
N LYS B 54 -10.94 -14.08 28.78
CA LYS B 54 -10.36 -14.41 30.07
C LYS B 54 -9.13 -13.54 30.35
N GLN B 55 -8.26 -13.36 29.35
CA GLN B 55 -7.06 -12.55 29.53
C GLN B 55 -7.43 -11.10 29.85
N VAL B 56 -8.36 -10.52 29.08
CA VAL B 56 -8.77 -9.14 29.32
C VAL B 56 -9.33 -9.00 30.74
N GLU B 57 -10.17 -9.94 31.15
CA GLU B 57 -10.76 -9.86 32.49
C GLU B 57 -9.69 -9.95 33.57
N ILE B 58 -8.71 -10.84 33.38
CA ILE B 58 -7.63 -10.96 34.35
C ILE B 58 -6.82 -9.67 34.42
N LEU B 59 -6.37 -9.19 33.25
CA LEU B 59 -5.62 -7.95 33.22
C LEU B 59 -6.44 -6.79 33.77
N ARG B 60 -7.75 -6.78 33.53
CA ARG B 60 -8.60 -5.76 34.10
C ARG B 60 -8.57 -5.80 35.62
N ARG B 61 -8.78 -6.98 36.19
CA ARG B 61 -8.73 -7.13 37.64
C ARG B 61 -7.33 -6.85 38.20
N LEU B 62 -6.30 -6.99 37.38
CA LEU B 62 -4.94 -6.70 37.84
C LEU B 62 -4.63 -5.21 37.85
N GLY B 63 -5.51 -4.37 37.34
CA GLY B 63 -5.30 -2.95 37.32
C GLY B 63 -4.78 -2.38 36.02
N ALA B 64 -4.70 -3.19 34.96
CA ALA B 64 -4.24 -2.69 33.67
C ALA B 64 -5.17 -1.59 33.17
N LYS B 65 -4.60 -0.42 32.89
CA LYS B 65 -5.39 0.73 32.48
C LYS B 65 -5.56 0.86 30.98
N GLU B 66 -4.67 0.26 30.19
CA GLU B 66 -4.72 0.35 28.73
C GLU B 66 -4.60 -1.06 28.16
N ILE B 67 -5.74 -1.75 28.05
CA ILE B 67 -5.80 -3.11 27.55
C ILE B 67 -6.21 -3.06 26.08
N ALA B 68 -5.40 -3.65 25.21
CA ALA B 68 -5.67 -3.65 23.78
C ALA B 68 -6.00 -5.07 23.30
N TYR B 69 -6.91 -5.14 22.34
CA TYR B 69 -7.33 -6.39 21.72
C TYR B 69 -7.34 -6.21 20.21
N ARG B 70 -6.89 -7.23 19.49
CA ARG B 70 -6.75 -7.17 18.03
C ARG B 70 -7.53 -8.29 17.38
N SER B 71 -8.23 -7.97 16.30
CA SER B 71 -8.96 -8.97 15.54
C SER B 71 -9.27 -8.41 14.16
N ASP B 72 -9.52 -9.32 13.23
CA ASP B 72 -9.94 -8.95 11.88
C ASP B 72 -11.45 -8.77 11.77
N ASP B 73 -12.19 -8.99 12.86
CA ASP B 73 -13.65 -8.97 12.86
C ASP B 73 -14.12 -7.88 13.82
N TRP B 74 -14.78 -6.85 13.28
CA TRP B 74 -15.21 -5.74 14.12
C TRP B 74 -16.19 -6.19 15.20
N ARG B 75 -16.96 -7.24 14.95
CA ARG B 75 -17.87 -7.72 15.99
C ARG B 75 -17.09 -8.26 17.18
N ASP B 76 -16.02 -9.01 16.94
CA ASP B 76 -15.17 -9.47 18.03
C ASP B 76 -14.54 -8.29 18.76
N LEU B 77 -14.05 -7.29 18.02
CA LEU B 77 -13.50 -6.09 18.66
C LEU B 77 -14.55 -5.43 19.56
N GLN B 78 -15.77 -5.27 19.05
CA GLN B 78 -16.84 -4.71 19.86
C GLN B 78 -17.06 -5.54 21.11
N GLU B 79 -17.16 -6.86 20.95
CA GLU B 79 -17.29 -7.74 22.12
C GLU B 79 -16.16 -7.50 23.11
N ALA B 80 -14.93 -7.42 22.60
CA ALA B 80 -13.80 -7.15 23.49
C ALA B 80 -14.01 -5.86 24.27
N LEU B 81 -14.62 -4.86 23.63
CA LEU B 81 -14.92 -3.61 24.33
C LEU B 81 -15.85 -3.85 25.50
N LYS B 82 -16.77 -4.80 25.37
CA LYS B 82 -17.74 -5.09 26.43
C LYS B 82 -17.14 -5.90 27.58
N LYS B 83 -15.89 -6.35 27.47
CA LYS B 83 -15.27 -7.19 28.48
C LYS B 83 -14.14 -6.50 29.23
N GLY B 84 -13.82 -5.25 28.89
CA GLY B 84 -12.82 -4.50 29.61
C GLY B 84 -11.78 -3.85 28.72
N ALA B 85 -11.77 -4.21 27.44
CA ALA B 85 -10.76 -3.70 26.51
C ALA B 85 -10.89 -2.20 26.36
N ASP B 86 -9.75 -1.52 26.37
CA ASP B 86 -9.70 -0.07 26.18
C ASP B 86 -9.33 0.33 24.76
N ILE B 87 -8.55 -0.46 24.06
CA ILE B 87 -8.07 -0.14 22.72
C ILE B 87 -8.43 -1.30 21.80
N LEU B 88 -9.11 -1.00 20.71
CA LEU B 88 -9.50 -1.98 19.71
C LEU B 88 -8.62 -1.80 18.49
N ILE B 89 -7.93 -2.86 18.09
CA ILE B 89 -6.98 -2.80 16.99
C ILE B 89 -7.64 -3.39 15.75
N VAL B 90 -7.92 -2.54 14.78
CA VAL B 90 -8.42 -2.99 13.48
C VAL B 90 -7.23 -3.44 12.65
N ASP B 91 -7.25 -4.70 12.21
CA ASP B 91 -6.14 -5.32 11.50
C ASP B 91 -6.39 -5.23 9.99
N ALA B 92 -5.67 -4.35 9.32
CA ALA B 92 -5.86 -4.11 7.90
C ALA B 92 -5.08 -5.08 7.02
N THR B 93 -4.19 -5.88 7.59
CA THR B 93 -3.42 -6.82 6.79
C THR B 93 -4.37 -7.71 6.00
N ASP B 94 -4.16 -7.78 4.69
CA ASP B 94 -4.91 -8.58 3.73
C ASP B 94 -6.27 -7.99 3.40
N LYS B 95 -6.64 -6.84 3.95
CA LYS B 95 -7.91 -6.19 3.65
C LYS B 95 -7.65 -4.90 2.88
N ASP B 96 -8.47 -4.65 1.85
CA ASP B 96 -8.28 -3.48 1.01
C ASP B 96 -8.95 -2.23 1.58
N GLU B 97 -10.06 -2.39 2.30
CA GLU B 97 -10.79 -1.26 2.85
C GLU B 97 -11.19 -1.56 4.30
N ALA B 98 -10.20 -1.81 5.14
CA ALA B 98 -10.46 -2.13 6.53
C ALA B 98 -10.85 -0.92 7.37
N TRP B 99 -10.55 0.30 6.88
CA TRP B 99 -11.00 1.50 7.58
C TRP B 99 -12.52 1.59 7.68
N LYS B 100 -13.25 0.78 6.92
CA LYS B 100 -14.69 0.69 7.13
C LYS B 100 -15.01 0.23 8.55
N GLN B 101 -14.17 -0.67 9.10
CA GLN B 101 -14.38 -1.11 10.47
C GLN B 101 -14.18 0.02 11.46
N VAL B 102 -13.28 0.97 11.17
CA VAL B 102 -13.11 2.11 12.04
C VAL B 102 -14.41 2.91 12.12
N GLU B 103 -15.10 3.07 10.99
CA GLU B 103 -16.37 3.79 10.99
C GLU B 103 -17.38 3.09 11.89
N ILE B 104 -17.63 1.81 11.65
CA ILE B 104 -18.57 1.06 12.48
C ILE B 104 -18.25 1.28 13.96
N LEU B 105 -17.06 0.82 14.37
CA LEU B 105 -16.70 0.86 15.79
C LEU B 105 -16.80 2.28 16.35
N ARG B 106 -16.26 3.26 15.63
CA ARG B 106 -16.17 4.61 16.15
C ARG B 106 -17.52 5.12 16.65
N ARG B 107 -18.59 4.70 15.99
CA ARG B 107 -19.93 5.12 16.35
C ARG B 107 -20.74 4.02 17.03
N LEU B 108 -20.12 2.87 17.30
CA LEU B 108 -20.70 1.88 18.20
C LEU B 108 -20.20 2.06 19.63
N GLY B 109 -19.48 3.15 19.92
CA GLY B 109 -19.00 3.45 21.25
C GLY B 109 -17.49 3.45 21.40
N ALA B 110 -16.76 2.83 20.47
CA ALA B 110 -15.32 2.70 20.61
C ALA B 110 -14.65 4.06 20.67
N LYS B 111 -14.01 4.36 21.81
CA LYS B 111 -13.36 5.65 21.99
C LYS B 111 -11.89 5.65 21.59
N ARG B 112 -11.25 4.48 21.56
CA ARG B 112 -9.82 4.38 21.26
C ARG B 112 -9.60 3.28 20.24
N ILE B 113 -9.53 3.66 18.97
CA ILE B 113 -9.39 2.72 17.86
C ILE B 113 -7.97 2.84 17.30
N ALA B 114 -7.32 1.69 17.13
CA ALA B 114 -6.02 1.61 16.49
C ALA B 114 -6.16 0.90 15.16
N TYR B 115 -5.30 1.23 14.22
CA TYR B 115 -5.32 0.70 12.87
C TYR B 115 -3.93 0.19 12.53
N ARG B 116 -3.85 -1.06 12.10
CA ARG B 116 -2.58 -1.71 11.77
C ARG B 116 -2.54 -1.93 10.27
N SER B 117 -1.52 -1.37 9.62
CA SER B 117 -1.36 -1.53 8.18
C SER B 117 0.11 -1.31 7.84
N ASP B 118 0.48 -1.69 6.62
CA ASP B 118 1.83 -1.53 6.11
C ASP B 118 1.93 -0.43 5.06
N ASP B 119 0.88 0.37 4.89
CA ASP B 119 0.85 1.40 3.85
C ASP B 119 0.30 2.69 4.43
N TRP B 120 1.06 3.78 4.27
CA TRP B 120 0.65 5.05 4.86
C TRP B 120 -0.69 5.53 4.30
N ARG B 121 -0.95 5.27 3.02
CA ARG B 121 -2.21 5.68 2.43
C ARG B 121 -3.39 5.02 3.14
N ASP B 122 -3.29 3.71 3.35
CA ASP B 122 -4.30 3.00 4.13
C ASP B 122 -4.40 3.58 5.53
N LEU B 123 -3.27 3.93 6.16
CA LEU B 123 -3.29 4.42 7.51
C LEU B 123 -3.86 5.84 7.59
N GLN B 124 -3.63 6.66 6.57
CA GLN B 124 -4.24 7.98 6.53
C GLN B 124 -5.76 7.88 6.44
N GLU B 125 -6.26 7.00 5.57
CA GLU B 125 -7.69 6.79 5.47
C GLU B 125 -8.30 6.51 6.84
N ALA B 126 -7.71 5.55 7.57
CA ALA B 126 -8.22 5.21 8.90
C ALA B 126 -8.13 6.40 9.85
N LEU B 127 -7.10 7.23 9.71
CA LEU B 127 -7.00 8.42 10.54
C LEU B 127 -8.17 9.36 10.27
N LYS B 128 -8.51 9.56 9.00
CA LYS B 128 -9.65 10.40 8.67
C LYS B 128 -10.95 9.83 9.23
N LYS B 129 -11.07 8.50 9.24
CA LYS B 129 -12.27 7.85 9.76
C LYS B 129 -12.30 7.78 11.28
N GLY B 130 -11.32 8.39 11.97
CA GLY B 130 -11.34 8.48 13.41
C GLY B 130 -10.36 7.58 14.14
N ALA B 131 -9.51 6.84 13.44
CA ALA B 131 -8.51 6.03 14.13
C ALA B 131 -7.64 6.93 14.99
N ASP B 132 -7.41 6.51 16.24
CA ASP B 132 -6.62 7.29 17.18
C ASP B 132 -5.15 6.89 17.20
N ILE B 133 -4.84 5.64 16.84
CA ILE B 133 -3.48 5.11 16.90
C ILE B 133 -3.20 4.42 15.57
N LEU B 134 -2.22 4.94 14.83
CA LEU B 134 -1.81 4.36 13.55
C LEU B 134 -0.61 3.47 13.79
N ILE B 135 -0.81 2.16 13.68
CA ILE B 135 0.22 1.17 13.95
C ILE B 135 0.88 0.81 12.62
N VAL B 136 2.11 1.25 12.44
CA VAL B 136 2.88 0.91 11.25
C VAL B 136 3.47 -0.48 11.44
N ASP B 137 3.04 -1.43 10.62
CA ASP B 137 3.52 -2.80 10.69
C ASP B 137 4.80 -2.96 9.89
N ASP B 142 11.37 -3.97 6.25
CA ASP B 142 11.86 -2.95 5.32
C ASP B 142 12.13 -1.64 6.04
N GLU B 143 12.33 -0.58 5.26
CA GLU B 143 12.52 0.77 5.81
C GLU B 143 11.15 1.40 6.09
N ALA B 144 10.42 0.76 7.02
CA ALA B 144 9.06 1.19 7.30
C ALA B 144 9.02 2.58 7.91
N TRP B 145 10.10 3.01 8.58
CA TRP B 145 10.12 4.34 9.19
C TRP B 145 9.81 5.43 8.17
N LYS B 146 9.94 5.14 6.88
CA LYS B 146 9.48 6.08 5.87
C LYS B 146 7.99 6.36 6.04
N GLN B 147 7.19 5.31 6.20
CA GLN B 147 5.77 5.50 6.48
C GLN B 147 5.58 6.40 7.70
N VAL B 148 6.36 6.16 8.76
CA VAL B 148 6.24 6.97 9.96
C VAL B 148 6.50 8.45 9.64
N GLU B 149 7.48 8.72 8.79
CA GLU B 149 7.76 10.10 8.41
C GLU B 149 6.58 10.71 7.65
N ILE B 150 6.08 9.98 6.64
CA ILE B 150 4.96 10.47 5.84
C ILE B 150 3.79 10.82 6.75
N LEU B 151 3.33 9.85 7.54
CA LEU B 151 2.16 10.07 8.39
C LEU B 151 2.39 11.23 9.36
N ARG B 152 3.60 11.33 9.92
CA ARG B 152 3.90 12.43 10.82
C ARG B 152 3.72 13.77 10.12
N ARG B 153 4.28 13.90 8.91
CA ARG B 153 4.14 15.14 8.15
C ARG B 153 2.68 15.44 7.82
N LEU B 154 1.80 14.45 7.87
CA LEU B 154 0.40 14.61 7.53
C LEU B 154 -0.48 14.94 8.74
N GLY B 155 0.11 15.07 9.93
CA GLY B 155 -0.61 15.46 11.11
C GLY B 155 -0.79 14.36 12.14
N ALA B 156 -0.64 13.10 11.75
CA ALA B 156 -0.78 12.00 12.70
C ALA B 156 0.11 12.23 13.91
N LYS B 157 -0.47 12.07 15.10
CA LYS B 157 0.25 12.33 16.34
C LYS B 157 0.51 11.08 17.17
N GLU B 158 -0.28 10.02 16.99
CA GLU B 158 -0.14 8.79 17.75
C GLU B 158 0.23 7.67 16.78
N ILE B 159 1.52 7.56 16.48
CA ILE B 159 2.04 6.57 15.55
C ILE B 159 2.78 5.51 16.35
N ALA B 160 2.43 4.25 16.12
CA ALA B 160 3.08 3.11 16.75
C ALA B 160 3.90 2.35 15.71
N TYR B 161 4.98 1.72 16.18
CA TYR B 161 5.91 1.00 15.32
C TYR B 161 6.16 -0.38 15.92
N ARG B 162 5.83 -1.42 15.17
CA ARG B 162 6.04 -2.79 15.60
C ARG B 162 7.29 -3.33 14.90
N SER B 163 8.26 -3.76 15.70
CA SER B 163 9.51 -4.29 15.16
C SER B 163 10.29 -4.94 16.29
N ASP B 164 11.23 -5.81 15.92
CA ASP B 164 12.07 -6.49 16.88
C ASP B 164 13.56 -6.17 16.69
N ASP B 165 13.94 -5.59 15.56
CA ASP B 165 15.29 -5.07 15.38
C ASP B 165 15.40 -3.77 16.18
N TRP B 166 16.16 -3.80 17.28
CA TRP B 166 16.28 -2.61 18.12
C TRP B 166 16.78 -1.41 17.34
N ARG B 167 17.59 -1.64 16.29
CA ARG B 167 18.03 -0.52 15.46
C ARG B 167 16.89 0.04 14.63
N ASP B 168 15.93 -0.81 14.24
CA ASP B 168 14.76 -0.32 13.53
C ASP B 168 13.85 0.46 14.47
N LEU B 169 13.67 -0.04 15.71
CA LEU B 169 12.84 0.68 16.66
C LEU B 169 13.42 2.04 17.01
N GLN B 170 14.74 2.19 16.92
CA GLN B 170 15.37 3.47 17.25
C GLN B 170 15.20 4.48 16.11
N GLU B 171 15.25 4.01 14.86
CA GLU B 171 15.00 4.89 13.74
C GLU B 171 13.55 5.36 13.72
N ALA B 172 12.62 4.49 14.15
CA ALA B 172 11.21 4.87 14.16
C ALA B 172 10.95 6.02 15.12
N LEU B 173 11.63 6.02 16.28
CA LEU B 173 11.45 7.11 17.23
C LEU B 173 11.84 8.44 16.62
N LYS B 174 13.05 8.51 16.04
CA LYS B 174 13.53 9.76 15.47
C LYS B 174 12.68 10.24 14.31
N LYS B 175 11.92 9.34 13.68
CA LYS B 175 11.06 9.71 12.56
C LYS B 175 9.68 10.18 13.01
N GLY B 176 9.38 10.17 14.30
CA GLY B 176 8.10 10.64 14.82
C GLY B 176 7.33 9.62 15.61
N ALA B 177 7.71 8.34 15.59
CA ALA B 177 6.97 7.32 16.30
C ALA B 177 7.02 7.59 17.81
N ASP B 178 5.89 7.35 18.48
CA ASP B 178 5.78 7.55 19.92
C ASP B 178 5.44 6.29 20.68
N ILE B 179 5.01 5.22 20.01
CA ILE B 179 4.69 3.95 20.65
C ILE B 179 5.51 2.87 19.98
N LEU B 180 6.12 2.00 20.78
CA LEU B 180 6.89 0.87 20.29
C LEU B 180 6.25 -0.42 20.78
N ILE B 181 5.80 -1.25 19.84
CA ILE B 181 5.17 -2.53 20.17
C ILE B 181 6.25 -3.59 20.21
N VAL B 182 6.33 -4.31 21.34
CA VAL B 182 7.31 -5.35 21.55
C VAL B 182 6.58 -6.68 21.73
N ASP B 183 6.95 -7.67 20.93
CA ASP B 183 6.39 -9.00 21.06
C ASP B 183 7.28 -9.86 21.95
N ALA B 184 6.67 -10.86 22.59
CA ALA B 184 7.38 -11.74 23.49
C ALA B 184 8.43 -12.57 22.73
#